data_7JYW
#
_entry.id   7JYW
#
_cell.length_a   87.295
_cell.length_b   87.295
_cell.length_c   312.441
_cell.angle_alpha   90.000
_cell.angle_beta   90.000
_cell.angle_gamma   120.000
#
_symmetry.space_group_name_H-M   'P 65 2 2'
#
loop_
_entity.id
_entity.type
_entity.pdbx_description
1 polymer 'MHC class I antigen'
2 polymer Beta-2-microglobulin
3 polymer 'PB2 peptide from influenza, TYQWIIRNW'
4 non-polymer 'CALCIUM ION'
5 non-polymer 'SODIUM ION'
6 non-polymer 'NICKEL (II) ION'
7 water water
#
loop_
_entity_poly.entity_id
_entity_poly.type
_entity_poly.pdbx_seq_one_letter_code
_entity_poly.pdbx_strand_id
1 'polypeptide(L)'
;GSHSMRYFSTSVSRPGRGEPRFIAVGYVDDTQFVRFDSDAASQRMEPRAPWIEQEGPEYWDEETGKVKAHSQTDRENLRI
ALRYYNQSEAGSHTLQMMFGCDVGSDGRFLRGYHQYAYDGKDYIALKEDLRSWTAADMAAQITKRKWEAAHVAEQQRAYL
EGTCVDGLRRYLENGKETLQRTDPPKTHMTHHPISDHEATLRCWALGFYPAEITLTWQRDGEDQTQDTELVETRPAGDGT
FQKWAAVVVPSGEEQRYTCHVQHEGLPKPLTLRWEPSS
;
A
2 'polypeptide(L)'
;MIQRTPKIQVYSRHPAENGKSNFLNCYVSGFHPSDIEVDLLKNGERIEKVEHSDLSFSKDWSFYLLYYTEFTPTEKDEYA
CRVNHVTLSQPKIVKWDRDM
;
B
3 'polypeptide(L)' TYQWIIRNW C
#
loop_
_chem_comp.id
_chem_comp.type
_chem_comp.name
_chem_comp.formula
CA non-polymer 'CALCIUM ION' 'Ca 2'
NA non-polymer 'SODIUM ION' 'Na 1'
NI non-polymer 'NICKEL (II) ION' 'Ni 2'
#
# COMPACT_ATOMS: atom_id res chain seq x y z
N GLY A 1 15.32 -13.17 -1.37
CA GLY A 1 16.05 -13.44 -0.14
C GLY A 1 15.17 -13.41 1.09
N SER A 2 15.12 -12.25 1.78
CA SER A 2 14.29 -12.04 2.97
C SER A 2 12.84 -11.75 2.56
N HIS A 3 11.88 -12.37 3.28
CA HIS A 3 10.45 -12.21 2.98
C HIS A 3 9.61 -11.74 4.17
N SER A 4 8.39 -11.28 3.89
CA SER A 4 7.45 -10.77 4.89
C SER A 4 6.00 -11.23 4.66
N MET A 5 5.22 -11.25 5.75
CA MET A 5 3.79 -11.52 5.76
C MET A 5 3.16 -10.47 6.63
N ARG A 6 2.16 -9.76 6.10
CA ARG A 6 1.49 -8.69 6.84
C ARG A 6 -0.02 -8.74 6.63
N TYR A 7 -0.76 -8.42 7.70
CA TYR A 7 -2.22 -8.34 7.68
C TYR A 7 -2.64 -6.94 8.13
N PHE A 8 -3.39 -6.24 7.27
CA PHE A 8 -3.84 -4.88 7.57
C PHE A 8 -5.34 -4.82 7.71
N SER A 9 -5.83 -4.42 8.88
CA SER A 9 -7.26 -4.29 9.17
C SER A 9 -7.66 -2.82 9.33
N THR A 10 -8.87 -2.47 8.88
CA THR A 10 -9.39 -1.10 8.98
C THR A 10 -10.84 -1.13 9.40
N SER A 11 -11.16 -0.48 10.54
CA SER A 11 -12.52 -0.43 11.06
C SER A 11 -12.98 1.02 11.11
N VAL A 12 -14.00 1.36 10.32
CA VAL A 12 -14.55 2.72 10.24
C VAL A 12 -15.97 2.74 10.76
N SER A 13 -16.19 3.42 11.90
CA SER A 13 -17.50 3.52 12.54
C SER A 13 -18.45 4.42 11.77
N ARG A 14 -19.70 3.98 11.63
CA ARG A 14 -20.74 4.70 10.90
C ARG A 14 -21.74 5.25 11.93
N PRO A 15 -21.75 6.60 12.17
CA PRO A 15 -22.66 7.16 13.18
C PRO A 15 -24.14 6.91 12.87
N GLY A 16 -24.72 5.99 13.62
CA GLY A 16 -26.13 5.57 13.50
C GLY A 16 -26.42 4.63 12.35
N ARG A 17 -25.86 4.91 11.15
CA ARG A 17 -26.07 4.16 9.91
C ARG A 17 -25.39 2.75 9.91
N GLY A 18 -25.94 1.87 10.75
CA GLY A 18 -25.53 0.48 10.89
C GLY A 18 -24.18 0.19 11.52
N GLU A 19 -23.69 -1.05 11.28
CA GLU A 19 -22.43 -1.62 11.74
C GLU A 19 -21.22 -0.91 11.13
N PRO A 20 -20.08 -0.79 11.86
CA PRO A 20 -18.89 -0.18 11.27
C PRO A 20 -18.31 -1.06 10.16
N ARG A 21 -17.63 -0.44 9.17
CA ARG A 21 -17.07 -1.19 8.06
C ARG A 21 -15.70 -1.76 8.37
N PHE A 22 -15.56 -3.08 8.22
CA PHE A 22 -14.30 -3.77 8.44
C PHE A 22 -13.71 -4.28 7.12
N ILE A 23 -12.48 -3.89 6.81
CA ILE A 23 -11.74 -4.33 5.63
C ILE A 23 -10.41 -4.89 6.10
N ALA A 24 -10.10 -6.13 5.73
CA ALA A 24 -8.85 -6.77 6.09
C ALA A 24 -8.16 -7.37 4.88
N VAL A 25 -6.88 -7.00 4.70
CA VAL A 25 -6.06 -7.47 3.60
C VAL A 25 -4.82 -8.22 4.10
N GLY A 26 -4.45 -9.25 3.35
CA GLY A 26 -3.27 -10.06 3.62
C GLY A 26 -2.27 -9.97 2.49
N TYR A 27 -1.00 -9.69 2.84
CA TYR A 27 0.10 -9.52 1.88
C TYR A 27 1.29 -10.43 2.20
N VAL A 28 1.98 -10.87 1.14
CA VAL A 28 3.23 -11.62 1.19
C VAL A 28 4.16 -10.79 0.32
N ASP A 29 5.07 -10.04 0.99
CA ASP A 29 5.98 -9.06 0.40
C ASP A 29 5.12 -7.91 -0.16
N ASP A 30 5.09 -7.72 -1.49
CA ASP A 30 4.31 -6.69 -2.14
C ASP A 30 3.10 -7.25 -2.89
N THR A 31 2.81 -8.55 -2.67
CA THR A 31 1.68 -9.24 -3.31
C THR A 31 0.56 -9.58 -2.31
N GLN A 32 -0.65 -9.06 -2.59
CA GLN A 32 -1.86 -9.30 -1.82
C GLN A 32 -2.37 -10.69 -2.17
N PHE A 33 -2.96 -11.42 -1.19
CA PHE A 33 -3.42 -12.77 -1.47
C PHE A 33 -4.81 -13.10 -0.90
N VAL A 34 -5.23 -12.39 0.16
CA VAL A 34 -6.54 -12.59 0.81
C VAL A 34 -7.24 -11.26 1.06
N ARG A 35 -8.58 -11.29 1.14
CA ARG A 35 -9.42 -10.12 1.38
C ARG A 35 -10.64 -10.47 2.23
N PHE A 36 -11.03 -9.53 3.11
CA PHE A 36 -12.28 -9.59 3.85
C PHE A 36 -12.86 -8.19 3.88
N ASP A 37 -14.17 -8.08 3.62
CA ASP A 37 -14.90 -6.82 3.63
C ASP A 37 -16.30 -7.08 4.20
N SER A 38 -16.69 -6.33 5.24
CA SER A 38 -17.99 -6.47 5.88
C SER A 38 -19.16 -6.09 4.96
N ASP A 39 -18.88 -5.26 3.94
CA ASP A 39 -19.88 -4.83 2.96
C ASP A 39 -20.00 -5.82 1.79
N ALA A 40 -18.92 -6.60 1.52
CA ALA A 40 -18.87 -7.60 0.43
C ALA A 40 -19.95 -8.68 0.60
N ALA A 41 -20.47 -9.17 -0.54
CA ALA A 41 -21.55 -10.14 -0.65
C ALA A 41 -21.30 -11.50 0.01
N SER A 42 -20.06 -12.05 -0.09
CA SER A 42 -19.72 -13.36 0.44
C SER A 42 -19.68 -13.48 1.97
N GLN A 43 -19.11 -12.47 2.67
CA GLN A 43 -18.89 -12.47 4.14
C GLN A 43 -17.94 -13.65 4.47
N ARG A 44 -16.90 -13.79 3.63
CA ARG A 44 -15.88 -14.84 3.66
C ARG A 44 -14.52 -14.26 3.37
N MET A 45 -13.44 -15.00 3.72
CA MET A 45 -12.08 -14.61 3.37
C MET A 45 -11.92 -15.02 1.90
N GLU A 46 -11.81 -14.02 1.03
CA GLU A 46 -11.75 -14.21 -0.42
C GLU A 46 -10.30 -14.26 -0.96
N PRO A 47 -9.98 -15.23 -1.86
CA PRO A 47 -8.63 -15.26 -2.44
C PRO A 47 -8.41 -14.15 -3.49
N ARG A 48 -7.21 -13.55 -3.49
CA ARG A 48 -6.82 -12.45 -4.39
C ARG A 48 -5.47 -12.70 -5.11
N ALA A 49 -4.98 -13.95 -5.04
CA ALA A 49 -3.77 -14.47 -5.69
C ALA A 49 -4.05 -15.92 -6.10
N PRO A 50 -3.55 -16.43 -7.24
CA PRO A 50 -3.91 -17.81 -7.65
C PRO A 50 -3.24 -18.92 -6.83
N TRP A 51 -2.12 -18.61 -6.18
CA TRP A 51 -1.38 -19.58 -5.38
C TRP A 51 -2.01 -19.92 -4.02
N ILE A 52 -3.06 -19.18 -3.62
CA ILE A 52 -3.77 -19.43 -2.36
C ILE A 52 -5.08 -20.18 -2.62
N GLU A 53 -5.62 -20.09 -3.87
CA GLU A 53 -6.86 -20.74 -4.33
C GLU A 53 -6.87 -22.26 -4.12
N GLN A 54 -5.68 -22.88 -4.12
CA GLN A 54 -5.46 -24.31 -3.92
C GLN A 54 -5.81 -24.79 -2.50
N GLU A 55 -5.68 -23.90 -1.49
CA GLU A 55 -5.93 -24.19 -0.06
C GLU A 55 -7.31 -24.82 0.24
N GLY A 56 -7.31 -25.69 1.25
CA GLY A 56 -8.46 -26.48 1.72
C GLY A 56 -9.75 -25.76 2.08
N PRO A 57 -10.88 -26.51 2.23
CA PRO A 57 -12.15 -25.85 2.57
C PRO A 57 -12.23 -25.43 4.03
N GLU A 58 -11.59 -26.18 4.95
CA GLU A 58 -11.58 -25.83 6.36
C GLU A 58 -10.58 -24.72 6.65
N TYR A 59 -9.64 -24.48 5.71
CA TYR A 59 -8.66 -23.39 5.78
C TYR A 59 -9.47 -22.11 5.69
N TRP A 60 -10.27 -21.99 4.62
CA TRP A 60 -11.15 -20.85 4.37
C TRP A 60 -12.12 -20.61 5.52
N ASP A 61 -12.67 -21.70 6.12
CA ASP A 61 -13.58 -21.64 7.27
C ASP A 61 -12.86 -21.06 8.49
N GLU A 62 -11.65 -21.57 8.81
CA GLU A 62 -10.81 -21.10 9.93
C GLU A 62 -10.43 -19.62 9.75
N GLU A 63 -9.99 -19.25 8.52
CA GLU A 63 -9.58 -17.89 8.17
C GLU A 63 -10.75 -16.93 8.20
N THR A 64 -11.94 -17.37 7.72
CA THR A 64 -13.16 -16.55 7.75
C THR A 64 -13.53 -16.26 9.20
N GLY A 65 -13.49 -17.30 10.03
CA GLY A 65 -13.81 -17.19 11.44
C GLY A 65 -12.92 -16.25 12.21
N LYS A 66 -11.60 -16.40 12.02
CA LYS A 66 -10.61 -15.57 12.69
C LYS A 66 -10.79 -14.09 12.36
N VAL A 67 -10.98 -13.78 11.07
CA VAL A 67 -11.20 -12.42 10.58
C VAL A 67 -12.58 -11.89 11.06
N LYS A 68 -13.58 -12.77 11.18
CA LYS A 68 -14.93 -12.45 11.69
C LYS A 68 -14.83 -12.09 13.17
N ALA A 69 -14.02 -12.83 13.94
CA ALA A 69 -13.80 -12.56 15.37
C ALA A 69 -13.14 -11.18 15.52
N HIS A 70 -12.13 -10.89 14.68
CA HIS A 70 -11.41 -9.61 14.65
C HIS A 70 -12.38 -8.45 14.42
N SER A 71 -13.26 -8.55 13.39
CA SER A 71 -14.24 -7.50 13.08
C SER A 71 -15.07 -7.14 14.31
N GLN A 72 -15.50 -8.17 15.07
CA GLN A 72 -16.24 -8.02 16.32
C GLN A 72 -15.37 -7.36 17.39
N THR A 73 -14.09 -7.81 17.53
CA THR A 73 -13.15 -7.29 18.53
C THR A 73 -12.91 -5.80 18.34
N ASP A 74 -12.62 -5.37 17.11
CA ASP A 74 -12.37 -3.97 16.80
C ASP A 74 -13.65 -3.11 16.83
N ARG A 75 -14.86 -3.70 16.63
CA ARG A 75 -16.09 -2.91 16.74
C ARG A 75 -16.39 -2.62 18.21
N GLU A 76 -15.96 -3.53 19.10
CA GLU A 76 -16.07 -3.39 20.56
C GLU A 76 -15.01 -2.34 20.99
N ASN A 77 -13.79 -2.44 20.43
CA ASN A 77 -12.66 -1.54 20.69
C ASN A 77 -12.95 -0.11 20.26
N LEU A 78 -13.81 0.06 19.24
CA LEU A 78 -14.22 1.39 18.77
C LEU A 78 -15.15 2.03 19.80
N ARG A 79 -15.95 1.21 20.50
CA ARG A 79 -16.85 1.64 21.55
C ARG A 79 -16.04 1.99 22.81
N ILE A 80 -15.01 1.16 23.13
CA ILE A 80 -14.11 1.36 24.28
C ILE A 80 -13.34 2.70 24.14
N ALA A 81 -12.85 3.00 22.93
CA ALA A 81 -12.12 4.24 22.62
C ALA A 81 -13.00 5.51 22.74
N LEU A 82 -14.34 5.38 22.59
CA LEU A 82 -15.26 6.52 22.75
C LEU A 82 -15.32 6.90 24.22
N ARG A 83 -15.20 5.91 25.12
CA ARG A 83 -15.17 6.11 26.55
C ARG A 83 -13.80 6.68 26.94
N TYR A 84 -12.71 6.00 26.53
CA TYR A 84 -11.33 6.35 26.82
C TYR A 84 -10.97 7.79 26.41
N TYR A 85 -11.44 8.24 25.23
CA TYR A 85 -11.17 9.58 24.71
C TYR A 85 -12.36 10.51 24.92
N ASN A 86 -13.37 10.07 25.70
CA ASN A 86 -14.62 10.77 26.03
C ASN A 86 -15.19 11.54 24.82
N GLN A 87 -15.53 10.78 23.76
CA GLN A 87 -16.03 11.32 22.50
C GLN A 87 -17.50 11.00 22.24
N SER A 88 -18.13 11.81 21.39
CA SER A 88 -19.53 11.71 20.97
C SER A 88 -19.76 10.50 20.07
N GLU A 89 -20.98 9.93 20.15
CA GLU A 89 -21.41 8.80 19.32
C GLU A 89 -21.73 9.24 17.87
N ALA A 90 -21.82 10.57 17.64
CA ALA A 90 -22.14 11.20 16.36
C ALA A 90 -20.93 11.32 15.40
N GLY A 91 -19.72 11.11 15.93
CA GLY A 91 -18.49 11.18 15.15
C GLY A 91 -18.01 9.84 14.63
N SER A 92 -17.58 9.83 13.36
CA SER A 92 -17.05 8.65 12.68
C SER A 92 -15.55 8.54 13.00
N HIS A 93 -15.10 7.37 13.47
CA HIS A 93 -13.71 7.13 13.83
C HIS A 93 -13.09 5.92 13.13
N THR A 94 -11.74 5.92 13.00
CA THR A 94 -10.98 4.86 12.34
C THR A 94 -10.12 4.08 13.35
N LEU A 95 -10.12 2.74 13.22
CA LEU A 95 -9.34 1.84 14.06
C LEU A 95 -8.58 0.85 13.17
N GLN A 96 -7.27 1.08 13.01
CA GLN A 96 -6.43 0.26 12.17
C GLN A 96 -5.52 -0.66 12.96
N MET A 97 -5.30 -1.87 12.42
CA MET A 97 -4.44 -2.89 13.00
C MET A 97 -3.51 -3.47 11.95
N MET A 98 -2.27 -3.69 12.36
CA MET A 98 -1.25 -4.33 11.54
C MET A 98 -0.56 -5.36 12.40
N PHE A 99 -0.41 -6.56 11.83
CA PHE A 99 0.28 -7.68 12.45
C PHE A 99 0.93 -8.54 11.38
N GLY A 100 2.04 -9.17 11.73
CA GLY A 100 2.76 -10.03 10.81
C GLY A 100 4.17 -10.38 11.23
N CYS A 101 4.90 -11.06 10.33
CA CYS A 101 6.25 -11.54 10.58
C CYS A 101 7.20 -11.44 9.40
N ASP A 102 8.50 -11.33 9.70
CA ASP A 102 9.62 -11.26 8.75
C ASP A 102 10.46 -12.54 8.85
N VAL A 103 10.88 -13.08 7.71
CA VAL A 103 11.72 -14.28 7.64
C VAL A 103 13.02 -14.01 6.87
N GLY A 104 14.09 -14.69 7.27
CA GLY A 104 15.39 -14.60 6.60
C GLY A 104 15.43 -15.47 5.36
N SER A 105 16.53 -15.35 4.57
CA SER A 105 16.74 -16.15 3.35
C SER A 105 16.60 -17.66 3.62
N ASP A 106 17.05 -18.09 4.82
CA ASP A 106 17.00 -19.46 5.33
C ASP A 106 15.56 -19.93 5.57
N GLY A 107 14.69 -19.01 6.02
CA GLY A 107 13.29 -19.28 6.31
C GLY A 107 12.93 -19.19 7.78
N ARG A 108 13.93 -18.87 8.63
CA ARG A 108 13.78 -18.74 10.08
C ARG A 108 13.28 -17.34 10.47
N PHE A 109 12.67 -17.23 11.67
CA PHE A 109 12.09 -16.00 12.23
C PHE A 109 13.12 -14.86 12.31
N LEU A 110 12.68 -13.64 11.99
CA LEU A 110 13.52 -12.45 12.03
C LEU A 110 12.91 -11.38 12.92
N ARG A 111 11.66 -10.94 12.64
CA ARG A 111 10.95 -9.96 13.44
C ARG A 111 9.44 -10.16 13.39
N GLY A 112 8.77 -9.81 14.50
CA GLY A 112 7.31 -9.91 14.65
C GLY A 112 6.67 -8.56 14.92
N TYR A 113 5.46 -8.34 14.38
CA TYR A 113 4.71 -7.09 14.54
C TYR A 113 3.27 -7.32 14.99
N HIS A 114 2.76 -6.41 15.83
CA HIS A 114 1.39 -6.40 16.34
C HIS A 114 1.13 -5.01 16.90
N GLN A 115 0.45 -4.16 16.11
CA GLN A 115 0.19 -2.77 16.51
C GLN A 115 -1.16 -2.24 16.08
N TYR A 116 -1.69 -1.31 16.89
CA TYR A 116 -2.96 -0.63 16.69
C TYR A 116 -2.77 0.85 16.44
N ALA A 117 -3.87 1.53 16.03
CA ALA A 117 -3.94 2.97 15.77
C ALA A 117 -5.38 3.46 15.81
N TYR A 118 -5.61 4.54 16.56
CA TYR A 118 -6.92 5.14 16.65
C TYR A 118 -6.87 6.54 16.05
N ASP A 119 -7.70 6.77 15.02
CA ASP A 119 -7.82 8.02 14.26
C ASP A 119 -6.48 8.54 13.69
N GLY A 120 -5.81 7.69 12.92
CA GLY A 120 -4.56 8.04 12.24
C GLY A 120 -3.28 8.03 13.06
N LYS A 121 -3.38 8.19 14.40
CA LYS A 121 -2.22 8.18 15.28
C LYS A 121 -2.09 6.84 15.96
N ASP A 122 -0.85 6.46 16.33
CA ASP A 122 -0.54 5.22 17.04
C ASP A 122 -1.30 5.14 18.37
N TYR A 123 -1.68 3.90 18.76
CA TYR A 123 -2.37 3.66 20.02
C TYR A 123 -1.47 2.80 20.89
N ILE A 124 -1.38 1.49 20.58
CA ILE A 124 -0.56 0.52 21.28
C ILE A 124 0.23 -0.32 20.28
N ALA A 125 1.44 -0.73 20.66
CA ALA A 125 2.32 -1.49 19.78
C ALA A 125 3.19 -2.44 20.58
N LEU A 126 3.35 -3.68 20.07
CA LEU A 126 4.19 -4.68 20.71
C LEU A 126 5.63 -4.35 20.38
N LYS A 127 6.50 -4.28 21.41
CA LYS A 127 7.94 -3.99 21.27
C LYS A 127 8.65 -5.13 20.51
N GLU A 128 9.87 -4.84 19.98
CA GLU A 128 10.68 -5.81 19.22
C GLU A 128 10.97 -7.11 20.01
N ASP A 129 11.11 -6.99 21.36
CA ASP A 129 11.37 -8.10 22.28
C ASP A 129 10.19 -9.09 22.40
N LEU A 130 8.96 -8.64 22.03
CA LEU A 130 7.69 -9.37 22.08
C LEU A 130 7.32 -9.79 23.52
N ARG A 131 7.63 -8.91 24.48
CA ARG A 131 7.37 -9.15 25.91
C ARG A 131 6.65 -7.98 26.60
N SER A 132 6.87 -6.75 26.12
CA SER A 132 6.25 -5.51 26.63
C SER A 132 5.60 -4.69 25.51
N TRP A 133 4.73 -3.74 25.88
CA TRP A 133 3.98 -2.91 24.95
C TRP A 133 4.41 -1.45 25.01
N THR A 134 4.01 -0.66 24.01
CA THR A 134 4.30 0.77 23.93
C THR A 134 2.98 1.52 23.81
N ALA A 135 2.61 2.27 24.85
CA ALA A 135 1.39 3.05 24.88
C ALA A 135 1.71 4.47 24.42
N ALA A 136 1.08 4.91 23.32
CA ALA A 136 1.30 6.23 22.74
C ALA A 136 0.75 7.37 23.60
N ASP A 137 -0.36 7.13 24.31
CA ASP A 137 -0.97 8.13 25.18
C ASP A 137 -1.53 7.52 26.47
N MET A 138 -2.14 8.38 27.32
CA MET A 138 -2.75 8.02 28.61
C MET A 138 -3.86 6.96 28.46
N ALA A 139 -4.69 7.06 27.40
CA ALA A 139 -5.78 6.14 27.08
C ALA A 139 -5.24 4.75 26.72
N ALA A 140 -4.11 4.73 25.98
CA ALA A 140 -3.44 3.50 25.57
C ALA A 140 -2.75 2.81 26.76
N GLN A 141 -2.46 3.57 27.83
CA GLN A 141 -1.83 3.05 29.06
C GLN A 141 -2.80 2.14 29.82
N ILE A 142 -4.12 2.45 29.75
CA ILE A 142 -5.18 1.67 30.39
C ILE A 142 -5.15 0.25 29.77
N THR A 143 -4.93 0.19 28.44
CA THR A 143 -4.81 -1.04 27.65
C THR A 143 -3.51 -1.77 27.97
N LYS A 144 -2.41 -1.01 28.20
CA LYS A 144 -1.08 -1.53 28.56
C LYS A 144 -1.16 -2.30 29.88
N ARG A 145 -1.69 -1.66 30.94
CA ARG A 145 -1.85 -2.27 32.26
C ARG A 145 -2.77 -3.50 32.24
N LYS A 146 -3.82 -3.47 31.40
CA LYS A 146 -4.79 -4.56 31.20
C LYS A 146 -4.09 -5.77 30.59
N TRP A 147 -3.39 -5.56 29.45
CA TRP A 147 -2.71 -6.61 28.69
C TRP A 147 -1.44 -7.13 29.37
N GLU A 148 -0.80 -6.31 30.21
CA GLU A 148 0.39 -6.71 30.95
C GLU A 148 -0.02 -7.62 32.11
N ALA A 149 -1.16 -7.28 32.77
CA ALA A 149 -1.73 -8.07 33.87
C ALA A 149 -2.24 -9.42 33.37
N ALA A 150 -2.88 -9.44 32.18
CA ALA A 150 -3.44 -10.63 31.55
C ALA A 150 -2.39 -11.50 30.81
N HIS A 151 -1.14 -10.98 30.66
CA HIS A 151 -0.01 -11.62 29.98
C HIS A 151 -0.31 -11.97 28.52
N VAL A 152 -0.88 -10.98 27.80
CA VAL A 152 -1.31 -11.07 26.39
C VAL A 152 -0.13 -11.34 25.45
N ALA A 153 0.98 -10.58 25.65
CA ALA A 153 2.22 -10.64 24.86
C ALA A 153 2.74 -12.07 24.65
N GLU A 154 2.53 -12.95 25.65
CA GLU A 154 2.95 -14.35 25.60
C GLU A 154 2.20 -15.11 24.49
N GLN A 155 0.90 -14.79 24.31
CA GLN A 155 0.08 -15.40 23.27
C GLN A 155 0.40 -14.77 21.92
N GLN A 156 0.87 -13.52 21.93
CA GLN A 156 1.28 -12.79 20.72
C GLN A 156 2.58 -13.39 20.21
N ARG A 157 3.55 -13.62 21.12
CA ARG A 157 4.87 -14.22 20.87
C ARG A 157 4.69 -15.61 20.24
N ALA A 158 3.75 -16.40 20.81
CA ALA A 158 3.37 -17.74 20.38
C ALA A 158 2.91 -17.79 18.92
N TYR A 159 2.24 -16.73 18.43
CA TYR A 159 1.78 -16.68 17.05
C TYR A 159 2.92 -16.25 16.13
N LEU A 160 3.50 -15.05 16.37
CA LEU A 160 4.56 -14.42 15.57
C LEU A 160 5.71 -15.37 15.32
N GLU A 161 6.23 -16.00 16.39
CA GLU A 161 7.26 -17.03 16.31
C GLU A 161 6.45 -18.33 16.20
N GLY A 162 6.48 -18.97 15.03
CA GLY A 162 5.76 -20.21 14.84
C GLY A 162 4.60 -20.14 13.87
N THR A 163 3.36 -20.05 14.39
CA THR A 163 2.12 -20.00 13.60
C THR A 163 2.23 -19.08 12.37
N CYS A 164 2.84 -17.89 12.56
CA CYS A 164 3.08 -16.90 11.52
C CYS A 164 4.16 -17.35 10.52
N VAL A 165 5.37 -17.70 11.03
CA VAL A 165 6.51 -18.09 10.18
C VAL A 165 6.23 -19.36 9.37
N ASP A 166 5.53 -20.34 9.97
CA ASP A 166 5.16 -21.59 9.31
C ASP A 166 4.16 -21.29 8.19
N GLY A 167 3.31 -20.28 8.42
CA GLY A 167 2.31 -19.80 7.47
C GLY A 167 2.96 -19.18 6.26
N LEU A 168 3.92 -18.25 6.51
CA LEU A 168 4.70 -17.55 5.49
C LEU A 168 5.51 -18.54 4.64
N ARG A 169 6.21 -19.48 5.33
CA ARG A 169 7.01 -20.57 4.75
C ARG A 169 6.16 -21.36 3.74
N ARG A 170 4.96 -21.80 4.18
CA ARG A 170 4.00 -22.54 3.36
C ARG A 170 3.57 -21.73 2.14
N TYR A 171 3.27 -20.42 2.35
CA TYR A 171 2.83 -19.51 1.29
C TYR A 171 3.92 -19.27 0.25
N LEU A 172 5.20 -19.27 0.68
CA LEU A 172 6.34 -19.06 -0.21
C LEU A 172 6.60 -20.25 -1.13
N GLU A 173 6.56 -21.49 -0.59
CA GLU A 173 6.76 -22.72 -1.34
C GLU A 173 5.60 -22.97 -2.33
N ASN A 174 4.35 -22.73 -1.87
CA ASN A 174 3.14 -22.90 -2.68
C ASN A 174 3.02 -21.88 -3.83
N GLY A 175 3.74 -20.76 -3.75
CA GLY A 175 3.72 -19.71 -4.77
C GLY A 175 5.06 -19.21 -5.22
N LYS A 176 6.09 -20.09 -5.22
CA LYS A 176 7.47 -19.76 -5.61
C LYS A 176 7.59 -19.26 -7.07
N GLU A 177 6.68 -19.71 -7.95
CA GLU A 177 6.62 -19.35 -9.36
C GLU A 177 6.31 -17.86 -9.60
N THR A 178 5.67 -17.19 -8.62
CA THR A 178 5.29 -15.78 -8.71
C THR A 178 5.94 -14.92 -7.63
N LEU A 179 5.91 -15.37 -6.36
CA LEU A 179 6.44 -14.63 -5.22
C LEU A 179 7.96 -14.55 -5.18
N GLN A 180 8.65 -15.64 -5.56
CA GLN A 180 10.12 -15.71 -5.53
C GLN A 180 10.74 -15.28 -6.87
N ARG A 181 9.95 -15.29 -7.98
CA ARG A 181 10.39 -14.88 -9.30
C ARG A 181 10.45 -13.36 -9.40
N THR A 182 11.68 -12.83 -9.52
CA THR A 182 11.97 -11.40 -9.60
C THR A 182 11.94 -10.91 -11.07
N ASP A 183 11.27 -9.77 -11.31
CA ASP A 183 11.15 -9.15 -12.63
C ASP A 183 11.98 -7.88 -12.69
N PRO A 184 12.96 -7.76 -13.63
CA PRO A 184 13.79 -6.56 -13.69
C PRO A 184 13.10 -5.38 -14.36
N PRO A 185 13.51 -4.11 -14.07
CA PRO A 185 12.81 -2.95 -14.67
C PRO A 185 13.09 -2.71 -16.14
N LYS A 186 12.04 -2.36 -16.90
CA LYS A 186 12.13 -2.05 -18.32
C LYS A 186 12.34 -0.55 -18.42
N THR A 187 13.61 -0.14 -18.29
CA THR A 187 14.09 1.23 -18.30
C THR A 187 13.98 1.91 -19.66
N HIS A 188 13.82 3.25 -19.65
CA HIS A 188 13.80 4.13 -20.81
C HIS A 188 14.03 5.60 -20.42
N MET A 189 14.58 6.40 -21.35
CA MET A 189 14.92 7.81 -21.14
C MET A 189 14.06 8.77 -21.96
N THR A 190 13.92 10.01 -21.47
CA THR A 190 13.15 11.07 -22.12
C THR A 190 13.77 12.45 -21.85
N HIS A 191 13.51 13.41 -22.75
CA HIS A 191 14.05 14.76 -22.71
C HIS A 191 12.99 15.80 -23.11
N HIS A 192 12.83 16.84 -22.27
CA HIS A 192 11.88 17.95 -22.48
C HIS A 192 12.61 19.30 -22.42
N PRO A 193 12.26 20.28 -23.29
CA PRO A 193 12.99 21.56 -23.28
C PRO A 193 12.79 22.42 -22.04
N ILE A 194 11.52 22.77 -21.71
CA ILE A 194 11.04 23.61 -20.58
C ILE A 194 11.48 25.10 -20.74
N SER A 195 12.76 25.37 -21.10
CA SER A 195 13.33 26.71 -21.31
C SER A 195 14.54 26.69 -22.27
N ASP A 196 15.06 27.87 -22.66
CA ASP A 196 16.19 27.99 -23.56
C ASP A 196 17.56 27.80 -22.88
N HIS A 197 17.57 27.78 -21.53
CA HIS A 197 18.79 27.62 -20.73
C HIS A 197 18.81 26.34 -19.86
N GLU A 198 17.63 25.70 -19.66
CA GLU A 198 17.49 24.46 -18.87
C GLU A 198 16.76 23.37 -19.67
N ALA A 199 16.82 22.10 -19.20
CA ALA A 199 16.19 20.93 -19.82
C ALA A 199 15.94 19.82 -18.80
N THR A 200 14.84 19.07 -18.94
CA THR A 200 14.50 18.00 -17.99
C THR A 200 14.78 16.59 -18.54
N LEU A 201 15.46 15.76 -17.72
CA LEU A 201 15.83 14.38 -18.05
C LEU A 201 15.13 13.38 -17.12
N ARG A 202 14.14 12.66 -17.65
CA ARG A 202 13.39 11.66 -16.88
C ARG A 202 13.90 10.24 -17.15
N CYS A 203 14.24 9.53 -16.07
CA CYS A 203 14.77 8.17 -16.06
C CYS A 203 13.66 7.21 -15.57
N TRP A 204 12.96 6.57 -16.51
CA TRP A 204 11.85 5.68 -16.21
C TRP A 204 12.26 4.26 -15.87
N ALA A 205 11.42 3.57 -15.09
CA ALA A 205 11.56 2.17 -14.66
C ALA A 205 10.16 1.61 -14.57
N LEU A 206 9.86 0.55 -15.36
CA LEU A 206 8.52 -0.06 -15.38
C LEU A 206 8.57 -1.59 -15.23
N GLY A 207 7.40 -2.19 -15.01
CA GLY A 207 7.17 -3.63 -14.90
C GLY A 207 8.07 -4.43 -13.98
N PHE A 208 8.48 -3.85 -12.84
CA PHE A 208 9.34 -4.55 -11.89
C PHE A 208 8.65 -5.04 -10.61
N TYR A 209 9.22 -6.10 -10.00
CA TYR A 209 8.83 -6.71 -8.74
C TYR A 209 10.09 -7.31 -8.09
N PRO A 210 10.36 -7.10 -6.79
CA PRO A 210 9.58 -6.34 -5.78
C PRO A 210 9.60 -4.83 -6.01
N ALA A 211 8.77 -4.10 -5.25
CA ALA A 211 8.65 -2.64 -5.35
C ALA A 211 9.93 -1.86 -5.04
N GLU A 212 10.86 -2.44 -4.22
CA GLU A 212 12.11 -1.78 -3.86
C GLU A 212 13.05 -1.60 -5.08
N ILE A 213 13.22 -0.33 -5.46
CA ILE A 213 14.05 0.15 -6.56
C ILE A 213 14.81 1.41 -6.07
N THR A 214 16.02 1.64 -6.62
CA THR A 214 16.84 2.80 -6.26
C THR A 214 17.35 3.52 -7.51
N LEU A 215 16.55 4.46 -8.05
CA LEU A 215 16.94 5.26 -9.21
C LEU A 215 17.69 6.49 -8.70
N THR A 216 18.95 6.64 -9.11
CA THR A 216 19.81 7.76 -8.74
C THR A 216 20.30 8.46 -10.03
N TRP A 217 20.56 9.78 -9.96
CA TRP A 217 21.09 10.56 -11.08
C TRP A 217 22.52 10.98 -10.78
N GLN A 218 23.32 11.23 -11.83
CA GLN A 218 24.72 11.62 -11.69
C GLN A 218 25.19 12.68 -12.68
N ARG A 219 25.76 13.78 -12.15
CA ARG A 219 26.42 14.84 -12.93
C ARG A 219 27.87 14.41 -12.83
N ASP A 220 28.48 14.09 -13.97
CA ASP A 220 29.82 13.53 -14.09
C ASP A 220 29.83 12.15 -13.40
N GLY A 221 30.66 11.97 -12.37
CA GLY A 221 30.76 10.71 -11.66
C GLY A 221 30.04 10.61 -10.33
N GLU A 222 29.71 11.77 -9.72
CA GLU A 222 29.07 11.82 -8.39
C GLU A 222 27.55 11.96 -8.43
N ASP A 223 26.89 11.33 -7.44
CA ASP A 223 25.43 11.29 -7.27
C ASP A 223 24.81 12.64 -6.94
N GLN A 224 23.70 12.96 -7.62
CA GLN A 224 22.94 14.20 -7.43
C GLN A 224 21.81 13.96 -6.42
N THR A 225 22.14 14.12 -5.11
CA THR A 225 21.21 13.94 -3.97
C THR A 225 19.98 14.83 -4.12
N GLN A 226 20.19 16.16 -4.24
CA GLN A 226 19.12 17.15 -4.45
C GLN A 226 18.97 17.43 -5.95
N ASP A 227 17.97 18.28 -6.32
CA ASP A 227 17.62 18.69 -7.70
C ASP A 227 17.02 17.52 -8.52
N THR A 228 16.71 16.40 -7.84
CA THR A 228 16.16 15.17 -8.43
C THR A 228 14.76 14.86 -7.90
N GLU A 229 13.76 15.06 -8.77
CA GLU A 229 12.36 14.79 -8.47
C GLU A 229 12.11 13.28 -8.58
N LEU A 230 11.74 12.65 -7.45
CA LEU A 230 11.46 11.23 -7.41
C LEU A 230 9.99 11.02 -7.05
N VAL A 231 9.22 10.36 -7.93
CA VAL A 231 7.82 10.03 -7.62
C VAL A 231 7.84 8.75 -6.80
N GLU A 232 6.82 8.54 -5.94
CA GLU A 232 6.78 7.32 -5.13
C GLU A 232 6.43 6.13 -5.99
N THR A 233 7.03 4.97 -5.67
CA THR A 233 6.81 3.73 -6.41
C THR A 233 5.31 3.43 -6.48
N ARG A 234 4.75 3.47 -7.69
CA ARG A 234 3.32 3.26 -7.92
C ARG A 234 3.01 1.88 -8.53
N PRO A 235 1.85 1.26 -8.21
CA PRO A 235 1.52 -0.04 -8.81
C PRO A 235 1.01 0.11 -10.24
N ALA A 236 1.33 -0.86 -11.11
CA ALA A 236 0.90 -0.83 -12.50
C ALA A 236 -0.59 -1.18 -12.70
N GLY A 237 -1.04 -2.19 -11.98
CA GLY A 237 -2.39 -2.74 -12.07
C GLY A 237 -2.27 -4.24 -11.92
N ASP A 238 -1.22 -4.79 -12.55
CA ASP A 238 -0.78 -6.18 -12.47
C ASP A 238 0.28 -6.17 -11.35
N GLY A 239 0.85 -7.34 -11.06
CA GLY A 239 1.83 -7.51 -9.98
C GLY A 239 3.10 -6.67 -10.03
N THR A 240 3.23 -5.80 -11.04
CA THR A 240 4.41 -4.97 -11.28
C THR A 240 4.26 -3.53 -10.77
N PHE A 241 5.40 -2.83 -10.66
CA PHE A 241 5.50 -1.46 -10.19
C PHE A 241 6.18 -0.52 -11.19
N GLN A 242 5.94 0.79 -11.03
CA GLN A 242 6.47 1.86 -11.87
C GLN A 242 7.01 2.99 -11.00
N LYS A 243 8.13 3.59 -11.42
CA LYS A 243 8.78 4.71 -10.74
C LYS A 243 9.63 5.49 -11.73
N TRP A 244 9.86 6.79 -11.47
CA TRP A 244 10.74 7.60 -12.31
C TRP A 244 11.48 8.67 -11.51
N ALA A 245 12.66 9.05 -12.02
CA ALA A 245 13.53 10.07 -11.43
C ALA A 245 13.84 11.11 -12.49
N ALA A 246 13.53 12.39 -12.21
CA ALA A 246 13.77 13.50 -13.12
C ALA A 246 14.81 14.48 -12.57
N VAL A 247 15.53 15.16 -13.48
CA VAL A 247 16.55 16.15 -13.12
C VAL A 247 16.56 17.31 -14.13
N VAL A 248 16.65 18.55 -13.63
CA VAL A 248 16.68 19.76 -14.45
C VAL A 248 18.16 20.08 -14.67
N VAL A 249 18.63 19.89 -15.91
CA VAL A 249 20.02 20.07 -16.34
C VAL A 249 20.21 21.35 -17.17
N PRO A 250 21.41 22.01 -17.15
CA PRO A 250 21.60 23.20 -18.00
C PRO A 250 21.67 22.77 -19.47
N SER A 251 20.95 23.48 -20.37
CA SER A 251 20.89 23.17 -21.80
C SER A 251 22.29 22.94 -22.42
N GLY A 252 22.43 21.81 -23.12
CA GLY A 252 23.69 21.42 -23.76
C GLY A 252 24.57 20.51 -22.92
N GLU A 253 24.40 20.55 -21.57
CA GLU A 253 25.17 19.74 -20.61
C GLU A 253 24.61 18.31 -20.38
N GLU A 254 23.69 17.85 -21.25
CA GLU A 254 23.04 16.53 -21.18
C GLU A 254 24.02 15.34 -21.20
N GLN A 255 25.22 15.52 -21.79
CA GLN A 255 26.25 14.48 -21.88
C GLN A 255 26.80 14.11 -20.52
N ARG A 256 26.91 15.10 -19.62
CA ARG A 256 27.43 14.97 -18.25
C ARG A 256 26.57 14.06 -17.35
N TYR A 257 25.31 13.82 -17.72
CA TYR A 257 24.36 13.11 -16.86
C TYR A 257 24.10 11.64 -17.23
N THR A 258 24.13 10.78 -16.18
CA THR A 258 23.89 9.34 -16.19
C THR A 258 22.96 8.89 -15.04
N CYS A 259 22.04 7.94 -15.32
CA CYS A 259 21.07 7.39 -14.36
C CYS A 259 21.46 5.99 -13.86
N HIS A 260 21.60 5.82 -12.54
CA HIS A 260 21.94 4.56 -11.87
C HIS A 260 20.71 3.82 -11.29
N VAL A 261 20.32 2.73 -11.97
CA VAL A 261 19.16 1.88 -11.63
C VAL A 261 19.60 0.71 -10.73
N GLN A 262 18.93 0.51 -9.57
CA GLN A 262 19.24 -0.57 -8.64
C GLN A 262 17.99 -1.37 -8.30
N HIS A 263 18.02 -2.67 -8.62
CA HIS A 263 16.90 -3.60 -8.41
C HIS A 263 17.46 -5.02 -8.28
N GLU A 264 16.83 -5.88 -7.46
CA GLU A 264 17.30 -7.25 -7.27
C GLU A 264 17.02 -8.15 -8.48
N GLY A 265 16.19 -7.68 -9.41
CA GLY A 265 15.88 -8.36 -10.65
C GLY A 265 17.04 -8.28 -11.65
N LEU A 266 17.91 -7.26 -11.47
CA LEU A 266 19.10 -6.99 -12.30
C LEU A 266 20.32 -7.77 -11.76
N PRO A 267 21.18 -8.36 -12.64
CA PRO A 267 22.34 -9.11 -12.14
C PRO A 267 23.49 -8.21 -11.66
N LYS A 268 23.45 -6.94 -12.07
CA LYS A 268 24.39 -5.87 -11.73
C LYS A 268 23.63 -4.55 -11.95
N PRO A 269 23.79 -3.54 -11.07
CA PRO A 269 23.06 -2.28 -11.29
C PRO A 269 23.37 -1.58 -12.63
N LEU A 270 22.33 -1.20 -13.38
CA LEU A 270 22.43 -0.50 -14.66
C LEU A 270 22.91 0.96 -14.51
N THR A 271 23.50 1.50 -15.59
CA THR A 271 23.96 2.89 -15.75
C THR A 271 23.57 3.30 -17.16
N LEU A 272 22.65 4.26 -17.28
CA LEU A 272 22.09 4.69 -18.56
C LEU A 272 22.31 6.17 -18.85
N ARG A 273 22.03 6.62 -20.09
CA ARG A 273 22.21 7.99 -20.56
C ARG A 273 21.20 8.31 -21.68
N TRP A 274 20.89 9.61 -21.85
CA TRP A 274 20.01 10.13 -22.89
C TRP A 274 20.81 10.22 -24.20
N GLU A 275 20.18 9.87 -25.35
CA GLU A 275 20.84 9.89 -26.66
C GLU A 275 20.07 10.72 -27.69
N MET B 1 -7.23 14.90 16.06
CA MET B 1 -7.97 14.04 15.14
C MET B 1 -7.08 13.49 14.01
N ILE B 2 -6.26 14.37 13.38
CA ILE B 2 -5.34 14.10 12.27
C ILE B 2 -6.08 13.84 10.96
N GLN B 3 -5.65 14.56 9.93
CA GLN B 3 -6.18 14.52 8.58
C GLN B 3 -4.99 14.71 7.64
N ARG B 4 -4.86 13.83 6.62
CA ARG B 4 -3.76 13.87 5.66
C ARG B 4 -4.27 14.02 4.23
N THR B 5 -3.64 14.91 3.47
CA THR B 5 -3.95 15.24 2.08
C THR B 5 -3.55 14.10 1.13
N PRO B 6 -4.36 13.75 0.10
CA PRO B 6 -3.95 12.68 -0.82
C PRO B 6 -2.93 13.12 -1.85
N LYS B 7 -2.02 12.20 -2.20
CA LYS B 7 -1.00 12.40 -3.24
C LYS B 7 -1.52 11.66 -4.46
N ILE B 8 -1.87 12.40 -5.53
CA ILE B 8 -2.48 11.84 -6.74
C ILE B 8 -1.48 11.65 -7.89
N GLN B 9 -1.51 10.48 -8.53
CA GLN B 9 -0.71 10.16 -9.71
C GLN B 9 -1.64 9.55 -10.76
N VAL B 10 -1.79 10.21 -11.91
CA VAL B 10 -2.64 9.71 -13.00
C VAL B 10 -1.73 9.21 -14.14
N TYR B 11 -1.86 7.92 -14.51
CA TYR B 11 -0.99 7.27 -15.49
C TYR B 11 -1.63 6.10 -16.24
N SER B 12 -0.79 5.28 -16.91
CA SER B 12 -1.18 4.12 -17.72
C SER B 12 -0.43 2.86 -17.31
N ARG B 13 -1.06 1.68 -17.46
CA ARG B 13 -0.47 0.39 -17.12
C ARG B 13 0.73 0.10 -18.01
N HIS B 14 0.53 0.13 -19.33
CA HIS B 14 1.57 -0.08 -20.33
C HIS B 14 1.88 1.26 -21.04
N PRO B 15 3.11 1.48 -21.60
CA PRO B 15 3.38 2.77 -22.28
C PRO B 15 2.41 3.10 -23.40
N ALA B 16 2.07 4.39 -23.54
CA ALA B 16 1.13 4.96 -24.51
C ALA B 16 1.21 4.37 -25.93
N GLU B 17 0.13 3.68 -26.33
CA GLU B 17 0.00 3.04 -27.65
C GLU B 17 -1.42 3.32 -28.20
N ASN B 18 -1.52 4.25 -29.16
CA ASN B 18 -2.76 4.67 -29.81
C ASN B 18 -3.42 3.54 -30.59
N GLY B 19 -4.71 3.32 -30.34
CA GLY B 19 -5.48 2.27 -30.99
C GLY B 19 -5.53 0.95 -30.23
N LYS B 20 -4.47 0.64 -29.46
CA LYS B 20 -4.38 -0.59 -28.66
C LYS B 20 -4.86 -0.35 -27.23
N SER B 21 -5.84 -1.16 -26.78
CA SER B 21 -6.48 -1.11 -25.45
C SER B 21 -5.48 -1.22 -24.29
N ASN B 22 -5.60 -0.28 -23.32
CA ASN B 22 -4.77 -0.17 -22.12
C ASN B 22 -5.63 0.02 -20.86
N PHE B 23 -5.00 0.42 -19.74
CA PHE B 23 -5.68 0.66 -18.46
C PHE B 23 -5.26 2.02 -17.90
N LEU B 24 -6.24 2.85 -17.51
CA LEU B 24 -5.99 4.17 -16.94
C LEU B 24 -6.04 4.08 -15.41
N ASN B 25 -4.94 4.50 -14.74
CA ASN B 25 -4.84 4.45 -13.28
C ASN B 25 -4.73 5.82 -12.63
N CYS B 26 -5.45 6.00 -11.51
CA CYS B 26 -5.42 7.19 -10.66
C CYS B 26 -5.08 6.65 -9.27
N TYR B 27 -3.80 6.72 -8.91
CA TYR B 27 -3.29 6.22 -7.64
C TYR B 27 -3.21 7.30 -6.57
N VAL B 28 -4.10 7.18 -5.57
CA VAL B 28 -4.19 8.08 -4.41
C VAL B 28 -3.52 7.42 -3.22
N SER B 29 -2.64 8.17 -2.53
CA SER B 29 -1.88 7.65 -1.39
C SER B 29 -1.58 8.71 -0.33
N GLY B 30 -1.19 8.24 0.86
CA GLY B 30 -0.82 9.06 2.01
C GLY B 30 -1.92 9.90 2.62
N PHE B 31 -3.18 9.49 2.45
CA PHE B 31 -4.36 10.21 2.91
C PHE B 31 -5.02 9.62 4.15
N HIS B 32 -5.74 10.48 4.91
CA HIS B 32 -6.47 10.10 6.11
C HIS B 32 -7.59 11.12 6.41
N PRO B 33 -8.85 10.68 6.69
CA PRO B 33 -9.36 9.31 6.78
C PRO B 33 -9.55 8.62 5.42
N SER B 34 -10.10 7.40 5.45
CA SER B 34 -10.33 6.54 4.29
C SER B 34 -11.36 7.05 3.28
N ASP B 35 -12.31 7.92 3.71
CA ASP B 35 -13.36 8.46 2.84
C ASP B 35 -12.79 9.36 1.75
N ILE B 36 -12.77 8.84 0.52
CA ILE B 36 -12.24 9.49 -0.67
C ILE B 36 -13.17 9.26 -1.88
N GLU B 37 -13.32 10.29 -2.73
CA GLU B 37 -14.13 10.24 -3.95
C GLU B 37 -13.18 10.36 -5.14
N VAL B 38 -13.04 9.28 -5.93
CA VAL B 38 -12.17 9.24 -7.10
C VAL B 38 -12.96 8.82 -8.34
N ASP B 39 -12.93 9.66 -9.38
CA ASP B 39 -13.61 9.43 -10.65
C ASP B 39 -12.63 9.66 -11.79
N LEU B 40 -12.71 8.83 -12.83
CA LEU B 40 -11.88 9.00 -14.03
C LEU B 40 -12.69 9.75 -15.11
N LEU B 41 -12.03 10.50 -16.02
CA LEU B 41 -12.70 11.33 -17.02
C LEU B 41 -12.23 11.17 -18.48
N LYS B 42 -13.19 11.21 -19.42
CA LYS B 42 -12.98 11.15 -20.88
C LYS B 42 -13.50 12.48 -21.42
N ASN B 43 -12.56 13.42 -21.72
CA ASN B 43 -12.80 14.79 -22.19
C ASN B 43 -13.52 15.68 -21.16
N GLY B 44 -13.35 15.34 -19.87
CA GLY B 44 -13.98 16.05 -18.75
C GLY B 44 -15.28 15.44 -18.27
N GLU B 45 -15.68 14.30 -18.88
CA GLU B 45 -16.89 13.55 -18.55
C GLU B 45 -16.55 12.25 -17.82
N ARG B 46 -17.19 12.04 -16.64
CA ARG B 46 -16.97 10.88 -15.76
C ARG B 46 -17.18 9.52 -16.45
N ILE B 47 -16.12 8.68 -16.44
CA ILE B 47 -16.10 7.35 -17.03
C ILE B 47 -16.97 6.41 -16.20
N GLU B 48 -17.83 5.64 -16.89
CA GLU B 48 -18.76 4.69 -16.27
C GLU B 48 -18.06 3.51 -15.59
N LYS B 49 -18.44 3.28 -14.32
CA LYS B 49 -18.02 2.22 -13.40
C LYS B 49 -16.52 1.83 -13.50
N VAL B 50 -15.73 2.43 -12.59
CA VAL B 50 -14.29 2.25 -12.46
C VAL B 50 -13.99 1.37 -11.23
N GLU B 51 -13.33 0.22 -11.46
CA GLU B 51 -12.97 -0.73 -10.40
C GLU B 51 -11.80 -0.18 -9.60
N HIS B 52 -11.75 -0.46 -8.29
CA HIS B 52 -10.65 0.00 -7.42
C HIS B 52 -10.06 -1.14 -6.56
N SER B 53 -8.86 -0.92 -6.02
CA SER B 53 -8.16 -1.89 -5.17
C SER B 53 -8.81 -2.05 -3.79
N ASP B 54 -8.34 -3.04 -3.01
CA ASP B 54 -8.84 -3.25 -1.64
C ASP B 54 -8.10 -2.27 -0.74
N LEU B 55 -8.83 -1.52 0.10
CA LEU B 55 -8.26 -0.51 0.99
C LEU B 55 -7.15 -1.08 1.88
N SER B 56 -5.97 -0.45 1.80
CA SER B 56 -4.79 -0.82 2.57
C SER B 56 -4.05 0.44 3.02
N PHE B 57 -3.10 0.30 3.95
CA PHE B 57 -2.35 1.43 4.46
C PHE B 57 -0.84 1.20 4.53
N SER B 58 -0.10 2.30 4.73
CA SER B 58 1.36 2.31 4.81
C SER B 58 1.81 2.31 6.28
N LYS B 59 3.14 2.18 6.50
CA LYS B 59 3.79 2.21 7.82
C LYS B 59 3.82 3.67 8.29
N ASP B 60 2.65 4.19 8.70
CA ASP B 60 2.35 5.55 9.21
C ASP B 60 0.83 5.69 9.33
N TRP B 61 0.13 4.59 8.99
CA TRP B 61 -1.32 4.41 9.02
C TRP B 61 -2.04 5.17 7.90
N SER B 62 -1.29 5.76 6.96
CA SER B 62 -1.89 6.50 5.84
C SER B 62 -2.41 5.53 4.77
N PHE B 63 -3.56 5.82 4.16
CA PHE B 63 -4.17 4.95 3.17
C PHE B 63 -3.68 5.15 1.74
N TYR B 64 -3.85 4.09 0.92
CA TYR B 64 -3.55 4.08 -0.50
C TYR B 64 -4.57 3.23 -1.26
N LEU B 65 -4.95 3.68 -2.47
CA LEU B 65 -5.90 3.01 -3.35
C LEU B 65 -5.54 3.20 -4.81
N LEU B 66 -5.94 2.24 -5.66
CA LEU B 66 -5.71 2.31 -7.10
C LEU B 66 -7.02 2.14 -7.84
N TYR B 67 -7.46 3.19 -8.53
CA TYR B 67 -8.67 3.21 -9.35
C TYR B 67 -8.24 2.91 -10.79
N TYR B 68 -8.95 2.00 -11.47
CA TYR B 68 -8.59 1.58 -12.83
C TYR B 68 -9.78 1.21 -13.74
N THR B 69 -9.65 1.48 -15.06
CA THR B 69 -10.63 1.14 -16.09
C THR B 69 -9.94 0.75 -17.42
N GLU B 70 -10.52 -0.24 -18.12
CA GLU B 70 -10.06 -0.72 -19.42
C GLU B 70 -10.45 0.36 -20.46
N PHE B 71 -9.47 1.13 -20.94
CA PHE B 71 -9.67 2.22 -21.90
C PHE B 71 -8.79 2.09 -23.17
N THR B 72 -9.21 2.70 -24.28
CA THR B 72 -8.42 2.67 -25.51
C THR B 72 -7.81 4.06 -25.79
N PRO B 73 -6.48 4.24 -25.60
CA PRO B 73 -5.88 5.55 -25.85
C PRO B 73 -5.78 5.89 -27.33
N THR B 74 -6.02 7.17 -27.67
CA THR B 74 -5.98 7.75 -29.02
C THR B 74 -5.53 9.21 -28.93
N GLU B 75 -5.06 9.80 -30.06
CA GLU B 75 -4.62 11.22 -30.11
C GLU B 75 -5.79 12.14 -29.76
N LYS B 76 -7.00 11.82 -30.26
CA LYS B 76 -8.24 12.50 -29.93
C LYS B 76 -8.80 11.77 -28.69
N ASP B 77 -9.20 12.54 -27.65
CA ASP B 77 -9.73 12.14 -26.33
C ASP B 77 -8.72 12.48 -25.22
N GLU B 78 -9.17 13.23 -24.21
CA GLU B 78 -8.38 13.64 -23.05
C GLU B 78 -8.77 12.84 -21.82
N TYR B 79 -7.78 12.54 -20.95
CA TYR B 79 -8.01 11.76 -19.74
C TYR B 79 -7.46 12.44 -18.49
N ALA B 80 -8.29 12.51 -17.42
CA ALA B 80 -7.96 13.14 -16.13
C ALA B 80 -8.72 12.48 -14.98
N CYS B 81 -8.23 12.60 -13.72
CA CYS B 81 -8.98 12.02 -12.60
C CYS B 81 -9.30 13.07 -11.53
N ARG B 82 -10.57 13.05 -11.09
CA ARG B 82 -11.13 13.95 -10.09
C ARG B 82 -11.05 13.29 -8.72
N VAL B 83 -10.32 13.92 -7.79
CA VAL B 83 -10.13 13.43 -6.44
C VAL B 83 -10.71 14.42 -5.43
N ASN B 84 -11.61 13.92 -4.55
CA ASN B 84 -12.25 14.69 -3.50
C ASN B 84 -12.09 14.00 -2.15
N HIS B 85 -11.64 14.77 -1.15
CA HIS B 85 -11.36 14.33 0.21
C HIS B 85 -11.67 15.47 1.19
N VAL B 86 -11.84 15.15 2.48
CA VAL B 86 -12.14 16.10 3.56
C VAL B 86 -11.07 17.20 3.63
N THR B 87 -9.79 16.82 3.41
CA THR B 87 -8.62 17.71 3.45
C THR B 87 -8.57 18.70 2.28
N LEU B 88 -9.37 18.47 1.23
CA LEU B 88 -9.39 19.33 0.05
C LEU B 88 -10.47 20.40 0.10
N SER B 89 -10.09 21.64 -0.27
CA SER B 89 -10.94 22.82 -0.35
C SER B 89 -12.02 22.65 -1.43
N GLN B 90 -11.63 22.03 -2.56
CA GLN B 90 -12.46 21.72 -3.72
C GLN B 90 -11.84 20.53 -4.49
N PRO B 91 -12.62 19.72 -5.25
CA PRO B 91 -12.04 18.56 -5.95
C PRO B 91 -10.88 18.89 -6.90
N LYS B 92 -9.81 18.08 -6.82
CA LYS B 92 -8.61 18.24 -7.64
C LYS B 92 -8.70 17.36 -8.87
N ILE B 93 -8.55 17.98 -10.07
CA ILE B 93 -8.57 17.29 -11.35
C ILE B 93 -7.14 17.27 -11.88
N VAL B 94 -6.54 16.07 -11.93
CA VAL B 94 -5.16 15.91 -12.43
C VAL B 94 -5.21 15.27 -13.81
N LYS B 95 -4.65 15.97 -14.81
CA LYS B 95 -4.62 15.54 -16.21
C LYS B 95 -3.49 14.56 -16.51
N TRP B 96 -3.76 13.61 -17.43
CA TRP B 96 -2.79 12.61 -17.85
C TRP B 96 -1.90 13.14 -18.98
N ASP B 97 -0.58 13.05 -18.78
CA ASP B 97 0.48 13.46 -19.71
C ASP B 97 1.03 12.18 -20.35
N ARG B 98 1.44 12.21 -21.64
CA ARG B 98 2.01 11.03 -22.32
C ARG B 98 3.25 10.57 -21.55
N ASP B 99 4.10 11.54 -21.14
CA ASP B 99 5.26 11.29 -20.31
C ASP B 99 4.96 11.91 -18.94
N MET B 100 4.24 11.12 -18.10
CA MET B 100 3.75 11.46 -16.74
C MET B 100 4.75 12.24 -15.88
N THR C 1 -2.16 -17.02 7.37
CA THR C 1 -2.63 -17.63 8.60
C THR C 1 -2.93 -16.53 9.62
N TYR C 2 -4.20 -16.09 9.66
CA TYR C 2 -4.67 -15.02 10.55
C TYR C 2 -4.47 -15.35 12.04
N GLN C 3 -4.22 -14.30 12.86
CA GLN C 3 -4.01 -14.40 14.30
C GLN C 3 -5.36 -14.25 15.04
N TRP C 4 -5.40 -14.73 16.28
CA TRP C 4 -6.56 -14.62 17.16
C TRP C 4 -6.63 -13.20 17.72
N ILE C 5 -7.28 -12.29 16.98
CA ILE C 5 -7.43 -10.90 17.42
C ILE C 5 -8.71 -10.90 18.22
N ILE C 6 -8.59 -11.06 19.56
CA ILE C 6 -9.74 -11.21 20.46
C ILE C 6 -9.68 -10.35 21.75
N ARG C 7 -8.53 -9.71 22.03
CA ARG C 7 -8.34 -8.92 23.25
C ARG C 7 -8.88 -7.50 23.13
N ASN C 8 -9.63 -7.07 24.15
CA ASN C 8 -10.24 -5.75 24.18
C ASN C 8 -9.40 -4.69 24.90
N TRP C 9 -9.49 -3.46 24.40
CA TRP C 9 -8.81 -2.26 24.88
C TRP C 9 -9.22 -1.87 26.32
CA CA D . -16.49 0.87 -1.83
NA NA E . -22.45 -1.24 16.46
NA NA F . 4.86 2.67 27.01
NI NI G . -2.66 -6.63 -19.00
#